data_1E0N
#
_entry.id   1E0N
#
_cell.length_a   1.000
_cell.length_b   1.000
_cell.length_c   1.000
_cell.angle_alpha   90.00
_cell.angle_beta   90.00
_cell.angle_gamma   90.00
#
_symmetry.space_group_name_H-M   'P 1'
#
_entity_poly.entity_id   1
_entity_poly.type   'polypeptide(L)'
_entity_poly.pdbx_seq_one_letter_code
;PGWEIIHENGRPLYYNAEQKTKLHYPP
;
_entity_poly.pdbx_strand_id   A
#
# COMPACT_ATOMS: atom_id res chain seq x y z
N PRO A 1 0.06 -7.17 9.21
CA PRO A 1 0.57 -8.22 8.33
C PRO A 1 -0.13 -8.21 6.99
N GLY A 2 0.64 -8.43 5.92
CA GLY A 2 0.08 -8.44 4.58
C GLY A 2 0.37 -7.18 3.81
N TRP A 3 0.61 -6.08 4.54
CA TRP A 3 0.91 -4.80 3.91
C TRP A 3 2.18 -4.90 3.07
N GLU A 4 2.21 -4.16 1.96
CA GLU A 4 3.35 -4.17 1.07
C GLU A 4 3.61 -2.77 0.51
N ILE A 5 4.21 -2.71 -0.68
CA ILE A 5 4.52 -1.44 -1.32
C ILE A 5 4.67 -1.61 -2.83
N ILE A 6 3.82 -0.91 -3.58
CA ILE A 6 3.87 -0.99 -5.04
C ILE A 6 3.71 0.40 -5.66
N HIS A 7 3.33 0.42 -6.94
CA HIS A 7 3.13 1.67 -7.67
C HIS A 7 1.68 1.84 -8.08
N GLU A 8 1.14 3.02 -7.81
CA GLU A 8 -0.25 3.32 -8.15
C GLU A 8 -0.34 4.06 -9.48
N ASN A 9 0.14 5.30 -9.48
CA ASN A 9 0.12 6.12 -10.69
C ASN A 9 1.51 6.64 -11.04
N GLY A 10 2.50 6.22 -10.26
CA GLY A 10 3.87 6.66 -10.49
C GLY A 10 4.69 6.70 -9.22
N ARG A 11 4.01 6.80 -8.08
CA ARG A 11 4.69 6.87 -6.79
C ARG A 11 4.49 5.57 -6.00
N PRO A 12 5.48 5.19 -5.17
CA PRO A 12 5.41 3.98 -4.36
C PRO A 12 4.52 4.16 -3.14
N LEU A 13 3.40 3.45 -3.11
CA LEU A 13 2.46 3.55 -2.00
C LEU A 13 2.29 2.21 -1.28
N TYR A 14 1.88 2.27 -0.02
CA TYR A 14 1.67 1.08 0.77
C TYR A 14 0.45 0.30 0.28
N TYR A 15 0.57 -1.01 0.20
CA TYR A 15 -0.50 -1.87 -0.27
C TYR A 15 -0.94 -2.86 0.80
N ASN A 16 -2.02 -3.59 0.53
CA ASN A 16 -2.55 -4.57 1.47
C ASN A 16 -3.65 -5.40 0.82
N ALA A 17 -3.45 -6.71 0.73
CA ALA A 17 -4.43 -7.60 0.12
C ALA A 17 -5.12 -8.46 1.17
N GLU A 18 -4.41 -8.73 2.27
CA GLU A 18 -4.96 -9.56 3.34
C GLU A 18 -6.23 -8.94 3.92
N GLN A 19 -6.26 -7.61 3.97
CA GLN A 19 -7.42 -6.89 4.48
C GLN A 19 -7.94 -5.91 3.44
N LYS A 20 -7.36 -5.97 2.24
CA LYS A 20 -7.76 -5.09 1.15
C LYS A 20 -7.64 -3.62 1.56
N THR A 21 -6.42 -3.20 1.88
CA THR A 21 -6.18 -1.82 2.29
C THR A 21 -5.09 -1.17 1.43
N LYS A 22 -5.02 0.15 1.49
CA LYS A 22 -4.04 0.91 0.71
C LYS A 22 -3.77 2.25 1.38
N LEU A 23 -2.57 2.79 1.15
CA LEU A 23 -2.21 4.09 1.72
C LEU A 23 -0.80 4.51 1.27
N HIS A 24 -0.32 5.61 1.82
CA HIS A 24 1.00 6.12 1.48
C HIS A 24 1.86 6.27 2.74
N TYR A 25 1.25 6.02 3.90
CA TYR A 25 1.94 6.13 5.17
C TYR A 25 1.13 5.45 6.28
N PRO A 26 1.81 4.92 7.32
CA PRO A 26 1.15 4.25 8.44
C PRO A 26 0.28 5.21 9.25
N PRO A 27 -0.54 4.68 10.17
CA PRO A 27 -1.41 5.50 11.02
C PRO A 27 -0.69 6.69 11.63
N PRO A 1 0.21 -7.46 8.89
CA PRO A 1 0.75 -8.42 7.93
C PRO A 1 0.03 -8.34 6.59
N GLY A 2 0.74 -8.70 5.53
CA GLY A 2 0.15 -8.66 4.20
C GLY A 2 0.42 -7.36 3.48
N TRP A 3 0.58 -6.28 4.26
CA TRP A 3 0.85 -4.97 3.69
C TRP A 3 2.07 -5.02 2.78
N GLU A 4 2.04 -4.24 1.70
CA GLU A 4 3.15 -4.20 0.76
C GLU A 4 3.44 -2.76 0.32
N ILE A 5 4.08 -2.64 -0.84
CA ILE A 5 4.44 -1.34 -1.38
C ILE A 5 4.54 -1.40 -2.91
N ILE A 6 3.73 -0.58 -3.58
CA ILE A 6 3.73 -0.56 -5.03
C ILE A 6 3.28 0.79 -5.58
N HIS A 7 3.20 0.88 -6.90
CA HIS A 7 2.80 2.12 -7.55
C HIS A 7 1.29 2.17 -7.75
N GLU A 8 0.66 3.19 -7.18
CA GLU A 8 -0.78 3.37 -7.30
C GLU A 8 -1.11 4.33 -8.45
N ASN A 9 -0.12 5.12 -8.84
CA ASN A 9 -0.27 6.09 -9.92
C ASN A 9 1.08 6.58 -10.40
N GLY A 10 2.14 6.15 -9.71
CA GLY A 10 3.48 6.56 -10.08
C GLY A 10 4.49 6.31 -8.96
N ARG A 11 4.14 6.75 -7.76
CA ARG A 11 5.01 6.57 -6.60
C ARG A 11 4.70 5.25 -5.90
N PRO A 12 5.64 4.74 -5.07
CA PRO A 12 5.46 3.48 -4.36
C PRO A 12 4.71 3.64 -3.04
N LEU A 13 3.38 3.67 -3.11
CA LEU A 13 2.55 3.82 -1.93
C LEU A 13 2.39 2.50 -1.19
N TYR A 14 1.75 2.54 -0.03
CA TYR A 14 1.51 1.34 0.78
C TYR A 14 0.29 0.59 0.28
N TYR A 15 0.42 -0.73 0.22
CA TYR A 15 -0.66 -1.59 -0.26
C TYR A 15 -0.99 -2.68 0.76
N ASN A 16 -1.98 -3.52 0.43
CA ASN A 16 -2.41 -4.61 1.31
C ASN A 16 -3.47 -5.46 0.63
N ALA A 17 -3.21 -6.76 0.51
CA ALA A 17 -4.14 -7.67 -0.13
C ALA A 17 -4.84 -8.58 0.88
N GLU A 18 -4.13 -8.91 1.96
CA GLU A 18 -4.67 -9.78 3.00
C GLU A 18 -5.96 -9.19 3.58
N GLN A 19 -6.01 -7.87 3.65
CA GLN A 19 -7.19 -7.18 4.17
C GLN A 19 -7.72 -6.17 3.14
N LYS A 20 -7.13 -6.20 1.95
CA LYS A 20 -7.52 -5.30 0.88
C LYS A 20 -7.47 -3.85 1.34
N THR A 21 -6.28 -3.40 1.73
CA THR A 21 -6.08 -2.04 2.21
C THR A 21 -5.07 -1.29 1.36
N LYS A 22 -5.13 0.03 1.40
CA LYS A 22 -4.22 0.87 0.63
C LYS A 22 -3.96 2.18 1.37
N LEU A 23 -2.86 2.85 1.02
CA LEU A 23 -2.53 4.14 1.63
C LEU A 23 -1.23 4.69 1.06
N HIS A 24 -0.95 5.95 1.38
CA HIS A 24 0.25 6.61 0.90
C HIS A 24 1.27 6.77 2.02
N TYR A 25 0.82 7.30 3.15
CA TYR A 25 1.69 7.51 4.30
C TYR A 25 0.87 7.60 5.60
N PRO A 26 1.43 7.12 6.72
CA PRO A 26 0.75 7.16 8.01
C PRO A 26 0.51 8.58 8.50
N PRO A 27 -0.28 8.75 9.58
CA PRO A 27 -0.58 10.08 10.15
C PRO A 27 0.66 10.94 10.31
N PRO A 1 -0.12 -7.12 9.26
CA PRO A 1 0.50 -8.13 8.41
C PRO A 1 -0.17 -8.22 7.05
N GLY A 2 0.64 -8.41 6.01
CA GLY A 2 0.11 -8.48 4.66
C GLY A 2 0.38 -7.24 3.85
N TRP A 3 0.47 -6.10 4.53
CA TRP A 3 0.74 -4.82 3.87
C TRP A 3 2.03 -4.90 3.06
N GLU A 4 2.03 -4.25 1.90
CA GLU A 4 3.21 -4.22 1.04
C GLU A 4 3.46 -2.81 0.52
N ILE A 5 4.17 -2.73 -0.61
CA ILE A 5 4.53 -1.44 -1.20
C ILE A 5 4.55 -1.51 -2.72
N ILE A 6 3.73 -0.68 -3.35
CA ILE A 6 3.67 -0.63 -4.81
C ILE A 6 3.10 0.70 -5.30
N HIS A 7 3.19 0.93 -6.60
CA HIS A 7 2.71 2.16 -7.19
C HIS A 7 1.18 2.21 -7.21
N GLU A 8 0.65 3.42 -7.11
CA GLU A 8 -0.79 3.62 -7.13
C GLU A 8 -1.19 4.59 -8.24
N ASN A 9 -0.34 5.58 -8.48
CA ASN A 9 -0.59 6.57 -9.52
C ASN A 9 0.71 7.20 -9.98
N GLY A 10 1.83 6.72 -9.44
CA GLY A 10 3.13 7.25 -9.81
C GLY A 10 4.11 7.28 -8.65
N ARG A 11 3.60 6.98 -7.45
CA ARG A 11 4.43 6.98 -6.25
C ARG A 11 4.26 5.68 -5.46
N PRO A 12 5.34 5.16 -4.86
CA PRO A 12 5.30 3.94 -4.07
C PRO A 12 4.38 4.07 -2.86
N LEU A 13 3.11 3.71 -3.03
CA LEU A 13 2.14 3.79 -1.95
C LEU A 13 2.02 2.47 -1.21
N TYR A 14 1.55 2.53 0.03
CA TYR A 14 1.37 1.33 0.85
C TYR A 14 0.18 0.51 0.36
N TYR A 15 0.38 -0.78 0.25
CA TYR A 15 -0.67 -1.69 -0.23
C TYR A 15 -1.01 -2.75 0.83
N ASN A 16 -2.01 -3.57 0.52
CA ASN A 16 -2.44 -4.64 1.43
C ASN A 16 -3.40 -5.58 0.72
N ALA A 17 -3.06 -6.86 0.67
CA ALA A 17 -3.89 -7.86 0.02
C ALA A 17 -4.64 -8.72 1.03
N GLU A 18 -4.05 -8.88 2.21
CA GLU A 18 -4.64 -9.69 3.26
C GLU A 18 -6.07 -9.22 3.57
N GLN A 19 -6.25 -7.90 3.57
CA GLN A 19 -7.57 -7.32 3.84
C GLN A 19 -7.96 -6.35 2.73
N LYS A 20 -7.17 -6.34 1.65
CA LYS A 20 -7.42 -5.46 0.53
C LYS A 20 -7.47 -4.00 0.98
N THR A 21 -6.35 -3.51 1.49
CA THR A 21 -6.26 -2.14 1.97
C THR A 21 -5.19 -1.36 1.20
N LYS A 22 -5.12 -0.06 1.46
CA LYS A 22 -4.16 0.81 0.80
C LYS A 22 -3.99 2.11 1.58
N LEU A 23 -2.88 2.80 1.34
CA LEU A 23 -2.62 4.09 2.00
C LEU A 23 -1.26 4.63 1.60
N HIS A 24 -0.86 5.75 2.19
CA HIS A 24 0.42 6.38 1.89
C HIS A 24 1.38 6.24 3.07
N TYR A 25 0.87 6.49 4.27
CA TYR A 25 1.69 6.39 5.48
C TYR A 25 0.81 6.50 6.73
N PRO A 26 1.20 5.81 7.82
CA PRO A 26 0.44 5.84 9.08
C PRO A 26 0.62 7.16 9.83
N PRO A 27 -0.19 7.40 10.88
CA PRO A 27 -0.10 8.61 11.70
C PRO A 27 1.32 8.92 12.15
N PRO A 1 0.79 -6.99 9.42
CA PRO A 1 1.23 -7.99 8.44
C PRO A 1 0.38 -7.97 7.18
N GLY A 2 0.98 -8.36 6.07
CA GLY A 2 0.27 -8.37 4.79
C GLY A 2 0.46 -7.09 4.02
N TRP A 3 0.88 -6.03 4.72
CA TRP A 3 1.11 -4.73 4.08
C TRP A 3 2.25 -4.81 3.08
N GLU A 4 2.25 -3.89 2.13
CA GLU A 4 3.29 -3.85 1.11
C GLU A 4 3.48 -2.43 0.57
N ILE A 5 4.00 -2.34 -0.65
CA ILE A 5 4.27 -1.05 -1.27
C ILE A 5 4.38 -1.19 -2.79
N ILE A 6 3.42 -0.62 -3.51
CA ILE A 6 3.44 -0.68 -4.96
C ILE A 6 3.09 0.66 -5.59
N HIS A 7 2.98 0.67 -6.91
CA HIS A 7 2.68 1.88 -7.64
C HIS A 7 1.17 2.08 -7.81
N GLU A 8 0.70 3.28 -7.52
CA GLU A 8 -0.71 3.61 -7.66
C GLU A 8 -0.93 4.52 -8.86
N ASN A 9 0.06 5.37 -9.13
CA ASN A 9 -0.01 6.30 -10.26
C ASN A 9 1.39 6.70 -10.69
N GLY A 10 2.40 6.05 -10.11
CA GLY A 10 3.77 6.36 -10.45
C GLY A 10 4.70 6.26 -9.25
N ARG A 11 4.14 6.45 -8.06
CA ARG A 11 4.92 6.38 -6.83
C ARG A 11 4.62 5.07 -6.09
N PRO A 12 5.55 4.60 -5.25
CA PRO A 12 5.38 3.36 -4.48
C PRO A 12 4.66 3.57 -3.16
N LEU A 13 3.32 3.64 -3.21
CA LEU A 13 2.52 3.83 -2.02
C LEU A 13 2.31 2.53 -1.25
N TYR A 14 1.79 2.64 -0.04
CA TYR A 14 1.53 1.47 0.79
C TYR A 14 0.32 0.70 0.29
N TYR A 15 0.44 -0.62 0.26
CA TYR A 15 -0.63 -1.47 -0.23
C TYR A 15 -0.90 -2.64 0.73
N ASN A 16 -1.90 -3.45 0.41
CA ASN A 16 -2.25 -4.60 1.23
C ASN A 16 -3.31 -5.47 0.53
N ALA A 17 -3.05 -6.77 0.47
CA ALA A 17 -3.96 -7.69 -0.19
C ALA A 17 -4.53 -8.71 0.80
N GLU A 18 -3.75 -9.01 1.85
CA GLU A 18 -4.17 -9.98 2.85
C GLU A 18 -5.55 -9.61 3.42
N GLN A 19 -5.74 -8.34 3.72
CA GLN A 19 -7.00 -7.86 4.25
C GLN A 19 -7.61 -6.83 3.29
N LYS A 20 -6.82 -6.44 2.30
CA LYS A 20 -7.22 -5.49 1.28
C LYS A 20 -7.22 -4.06 1.82
N THR A 21 -6.05 -3.45 1.84
CA THR A 21 -5.91 -2.07 2.31
C THR A 21 -5.03 -1.26 1.36
N LYS A 22 -5.08 0.06 1.52
CA LYS A 22 -4.30 0.96 0.68
C LYS A 22 -4.02 2.27 1.40
N LEU A 23 -2.88 2.89 1.11
CA LEU A 23 -2.53 4.16 1.73
C LEU A 23 -1.22 4.70 1.19
N HIS A 24 -1.03 6.01 1.28
CA HIS A 24 0.18 6.65 0.82
C HIS A 24 1.17 6.82 1.95
N TYR A 25 0.64 6.82 3.18
CA TYR A 25 1.47 6.96 4.37
C TYR A 25 0.78 6.32 5.57
N PRO A 26 1.55 5.99 6.63
CA PRO A 26 1.01 5.34 7.83
C PRO A 26 -0.25 6.01 8.38
N PRO A 27 -0.95 5.31 9.30
CA PRO A 27 -2.16 5.81 9.96
C PRO A 27 -2.08 7.29 10.30
N PRO A 1 0.77 -6.68 8.98
CA PRO A 1 1.22 -7.75 8.09
C PRO A 1 0.43 -7.80 6.79
N GLY A 2 1.07 -8.27 5.73
CA GLY A 2 0.42 -8.34 4.44
C GLY A 2 0.61 -7.08 3.61
N TRP A 3 0.81 -5.96 4.30
CA TRP A 3 1.01 -4.68 3.63
C TRP A 3 2.27 -4.72 2.77
N GLU A 4 2.23 -4.03 1.63
CA GLU A 4 3.38 -3.95 0.75
C GLU A 4 3.63 -2.52 0.29
N ILE A 5 4.38 -2.40 -0.81
CA ILE A 5 4.74 -1.11 -1.36
C ILE A 5 4.77 -1.17 -2.88
N ILE A 6 3.79 -0.55 -3.53
CA ILE A 6 3.71 -0.60 -4.98
C ILE A 6 2.99 0.61 -5.55
N HIS A 7 3.04 0.73 -6.88
CA HIS A 7 2.44 1.85 -7.58
C HIS A 7 0.91 1.77 -7.56
N GLU A 8 0.27 2.92 -7.36
CA GLU A 8 -1.17 3.01 -7.34
C GLU A 8 -1.66 4.19 -8.18
N ASN A 9 -0.75 5.14 -8.42
CA ASN A 9 -1.07 6.33 -9.20
C ASN A 9 0.19 6.93 -9.80
N GLY A 10 1.18 7.16 -8.93
CA GLY A 10 2.44 7.74 -9.38
C GLY A 10 3.60 7.24 -8.55
N ARG A 11 3.95 7.99 -7.50
CA ARG A 11 5.04 7.61 -6.62
C ARG A 11 4.61 6.46 -5.71
N PRO A 12 5.46 5.41 -5.57
CA PRO A 12 5.18 4.24 -4.76
C PRO A 12 4.32 4.54 -3.54
N LEU A 13 3.38 3.66 -3.25
CA LEU A 13 2.45 3.86 -2.14
C LEU A 13 2.30 2.60 -1.30
N TYR A 14 1.70 2.74 -0.12
CA TYR A 14 1.47 1.63 0.78
C TYR A 14 0.29 0.80 0.31
N TYR A 15 0.54 -0.47 0.03
CA TYR A 15 -0.49 -1.38 -0.45
C TYR A 15 -0.81 -2.45 0.58
N ASN A 16 -1.83 -3.27 0.31
CA ASN A 16 -2.23 -4.34 1.21
C ASN A 16 -3.30 -5.21 0.58
N ALA A 17 -3.00 -6.50 0.41
CA ALA A 17 -3.94 -7.44 -0.18
C ALA A 17 -4.45 -8.44 0.85
N GLU A 18 -3.62 -8.74 1.83
CA GLU A 18 -3.98 -9.68 2.89
C GLU A 18 -5.24 -9.22 3.63
N GLN A 19 -5.34 -7.91 3.83
CA GLN A 19 -6.49 -7.33 4.50
C GLN A 19 -7.24 -6.38 3.58
N LYS A 20 -6.75 -6.29 2.34
CA LYS A 20 -7.35 -5.43 1.33
C LYS A 20 -7.40 -3.98 1.82
N THR A 21 -6.22 -3.38 1.95
CA THR A 21 -6.12 -2.00 2.40
C THR A 21 -5.17 -1.21 1.49
N LYS A 22 -5.10 0.10 1.73
CA LYS A 22 -4.24 0.97 0.93
C LYS A 22 -3.95 2.27 1.67
N LEU A 23 -2.90 2.96 1.26
CA LEU A 23 -2.54 4.25 1.86
C LEU A 23 -1.32 4.84 1.18
N HIS A 24 -1.18 6.17 1.28
CA HIS A 24 -0.07 6.88 0.68
C HIS A 24 1.05 7.11 1.69
N TYR A 25 0.67 7.61 2.87
CA TYR A 25 1.64 7.89 3.93
C TYR A 25 1.12 7.42 5.28
N PRO A 26 2.03 7.15 6.25
CA PRO A 26 1.66 6.68 7.58
C PRO A 26 0.57 7.52 8.24
N PRO A 27 0.03 7.02 9.37
CA PRO A 27 -0.99 7.71 10.16
C PRO A 27 -0.71 9.20 10.32
N PRO A 1 0.73 -7.52 9.48
CA PRO A 1 1.24 -8.51 8.52
C PRO A 1 0.42 -8.51 7.23
N GLY A 2 1.03 -8.98 6.15
CA GLY A 2 0.34 -9.02 4.87
C GLY A 2 0.51 -7.73 4.08
N TRP A 3 0.74 -6.63 4.80
CA TRP A 3 0.93 -5.33 4.17
C TRP A 3 2.14 -5.33 3.24
N GLU A 4 2.05 -4.56 2.17
CA GLU A 4 3.15 -4.45 1.22
C GLU A 4 3.22 -3.04 0.63
N ILE A 5 3.80 -2.94 -0.56
CA ILE A 5 3.98 -1.64 -1.21
C ILE A 5 4.14 -1.79 -2.72
N ILE A 6 3.40 -1.00 -3.48
CA ILE A 6 3.50 -1.04 -4.94
C ILE A 6 3.52 0.38 -5.51
N HIS A 7 3.11 0.50 -6.77
CA HIS A 7 3.10 1.79 -7.44
C HIS A 7 1.70 2.12 -7.96
N GLU A 8 1.25 3.34 -7.71
CA GLU A 8 -0.07 3.77 -8.15
C GLU A 8 0.01 4.48 -9.49
N ASN A 9 1.03 5.32 -9.65
CA ASN A 9 1.23 6.06 -10.88
C ASN A 9 2.64 6.66 -10.94
N GLY A 10 3.58 6.02 -10.25
CA GLY A 10 4.94 6.50 -10.23
C GLY A 10 5.50 6.59 -8.82
N ARG A 11 4.62 6.70 -7.84
CA ARG A 11 5.03 6.80 -6.45
C ARG A 11 4.68 5.53 -5.68
N PRO A 12 5.57 5.06 -4.80
CA PRO A 12 5.34 3.84 -4.01
C PRO A 12 4.26 4.03 -2.96
N LEU A 13 3.09 3.43 -3.20
CA LEU A 13 1.98 3.54 -2.27
C LEU A 13 1.85 2.29 -1.41
N TYR A 14 1.39 2.48 -0.18
CA TYR A 14 1.20 1.36 0.74
C TYR A 14 0.03 0.49 0.31
N TYR A 15 0.25 -0.82 0.26
CA TYR A 15 -0.78 -1.75 -0.17
C TYR A 15 -1.01 -2.83 0.88
N ASN A 16 -2.01 -3.68 0.63
CA ASN A 16 -2.33 -4.78 1.53
C ASN A 16 -3.39 -5.69 0.91
N ALA A 17 -3.07 -6.98 0.80
CA ALA A 17 -3.97 -7.95 0.19
C ALA A 17 -4.62 -8.86 1.24
N GLU A 18 -3.86 -9.20 2.27
CA GLU A 18 -4.33 -10.05 3.33
C GLU A 18 -5.61 -9.51 3.97
N GLN A 19 -5.67 -8.19 4.09
CA GLN A 19 -6.85 -7.53 4.65
C GLN A 19 -7.48 -6.60 3.64
N LYS A 20 -6.86 -6.52 2.47
CA LYS A 20 -7.34 -5.66 1.41
C LYS A 20 -7.39 -4.20 1.86
N THR A 21 -6.21 -3.62 2.06
CA THR A 21 -6.11 -2.23 2.50
C THR A 21 -5.17 -1.44 1.59
N LYS A 22 -5.29 -0.12 1.64
CA LYS A 22 -4.45 0.76 0.81
C LYS A 22 -4.10 2.02 1.58
N LEU A 23 -3.03 2.69 1.16
CA LEU A 23 -2.61 3.95 1.79
C LEU A 23 -1.37 4.52 1.12
N HIS A 24 -0.99 5.72 1.53
CA HIS A 24 0.18 6.39 0.98
C HIS A 24 1.21 6.66 2.06
N TYR A 25 0.76 7.26 3.16
CA TYR A 25 1.64 7.59 4.28
C TYR A 25 1.36 6.68 5.49
N PRO A 26 2.37 6.48 6.35
CA PRO A 26 2.23 5.62 7.54
C PRO A 26 1.31 6.26 8.59
N PRO A 27 0.92 5.47 9.62
CA PRO A 27 0.06 5.96 10.70
C PRO A 27 0.56 7.28 11.29
N PRO A 1 0.19 -6.85 9.36
CA PRO A 1 0.68 -7.92 8.51
C PRO A 1 -0.05 -7.98 7.18
N GLY A 2 0.67 -8.29 6.11
CA GLY A 2 0.06 -8.37 4.80
C GLY A 2 0.35 -7.15 3.95
N TRP A 3 0.49 -6.00 4.62
CA TRP A 3 0.78 -4.75 3.92
C TRP A 3 2.06 -4.85 3.10
N GLU A 4 2.07 -4.19 1.94
CA GLU A 4 3.24 -4.20 1.07
C GLU A 4 3.54 -2.80 0.54
N ILE A 5 4.19 -2.74 -0.62
CA ILE A 5 4.56 -1.48 -1.23
C ILE A 5 4.68 -1.61 -2.74
N ILE A 6 3.87 -0.85 -3.47
CA ILE A 6 3.89 -0.90 -4.94
C ILE A 6 3.31 0.37 -5.53
N HIS A 7 3.37 0.46 -6.86
CA HIS A 7 2.85 1.62 -7.57
C HIS A 7 1.32 1.57 -7.67
N GLU A 8 0.66 2.57 -7.10
CA GLU A 8 -0.79 2.64 -7.15
C GLU A 8 -1.26 3.41 -8.37
N ASN A 9 -0.61 4.53 -8.65
CA ASN A 9 -0.96 5.36 -9.80
C ASN A 9 0.27 6.07 -10.35
N GLY A 10 1.43 5.79 -9.74
CA GLY A 10 2.67 6.40 -10.18
C GLY A 10 3.78 6.29 -9.16
N ARG A 11 3.52 6.76 -7.95
CA ARG A 11 4.50 6.71 -6.87
C ARG A 11 4.31 5.46 -6.01
N PRO A 12 5.39 4.96 -5.39
CA PRO A 12 5.34 3.77 -4.54
C PRO A 12 4.46 3.98 -3.31
N LEU A 13 3.22 3.55 -3.40
CA LEU A 13 2.27 3.69 -2.30
C LEU A 13 2.14 2.40 -1.51
N TYR A 14 1.75 2.51 -0.24
CA TYR A 14 1.56 1.36 0.62
C TYR A 14 0.40 0.51 0.13
N TYR A 15 0.58 -0.81 0.15
CA TYR A 15 -0.45 -1.73 -0.31
C TYR A 15 -0.83 -2.72 0.79
N ASN A 16 -1.77 -3.61 0.47
CA ASN A 16 -2.22 -4.63 1.41
C ASN A 16 -3.25 -5.55 0.75
N ALA A 17 -2.95 -6.84 0.70
CA ALA A 17 -3.84 -7.82 0.09
C ALA A 17 -4.54 -8.67 1.15
N GLU A 18 -3.85 -8.90 2.26
CA GLU A 18 -4.39 -9.71 3.35
C GLU A 18 -5.72 -9.13 3.84
N GLN A 19 -5.80 -7.81 3.86
CA GLN A 19 -7.01 -7.13 4.31
C GLN A 19 -7.54 -6.22 3.20
N LYS A 20 -6.92 -6.30 2.03
CA LYS A 20 -7.33 -5.49 0.89
C LYS A 20 -7.37 -4.01 1.25
N THR A 21 -6.22 -3.46 1.62
CA THR A 21 -6.12 -2.05 2.00
C THR A 21 -5.08 -1.33 1.16
N LYS A 22 -5.00 -0.01 1.34
CA LYS A 22 -4.05 0.81 0.59
C LYS A 22 -3.82 2.13 1.32
N LEU A 23 -2.68 2.76 1.05
CA LEU A 23 -2.35 4.05 1.65
C LEU A 23 -0.97 4.53 1.22
N HIS A 24 -0.49 5.60 1.86
CA HIS A 24 0.81 6.16 1.53
C HIS A 24 1.68 6.28 2.77
N TYR A 25 1.13 6.90 3.82
CA TYR A 25 1.86 7.08 5.07
C TYR A 25 0.89 7.22 6.23
N PRO A 26 1.31 6.79 7.45
CA PRO A 26 0.50 6.82 8.66
C PRO A 26 -0.39 8.08 8.75
N PRO A 27 0.16 9.31 8.60
CA PRO A 27 1.58 9.57 8.30
C PRO A 27 2.44 9.67 9.56
N PRO A 1 0.61 -7.10 9.20
CA PRO A 1 1.18 -8.09 8.28
C PRO A 1 0.39 -8.18 6.98
N GLY A 2 1.06 -8.60 5.90
CA GLY A 2 0.39 -8.72 4.62
C GLY A 2 0.54 -7.46 3.77
N TRP A 3 0.63 -6.31 4.44
CA TRP A 3 0.79 -5.04 3.77
C TRP A 3 2.07 -5.00 2.93
N GLU A 4 2.02 -4.29 1.81
CA GLU A 4 3.18 -4.17 0.94
C GLU A 4 3.36 -2.74 0.46
N ILE A 5 4.10 -2.59 -0.65
CA ILE A 5 4.38 -1.29 -1.22
C ILE A 5 4.51 -1.37 -2.73
N ILE A 6 3.70 -0.59 -3.44
CA ILE A 6 3.75 -0.59 -4.90
C ILE A 6 3.21 0.72 -5.48
N HIS A 7 3.26 0.83 -6.80
CA HIS A 7 2.80 2.03 -7.49
C HIS A 7 1.30 1.96 -7.76
N GLU A 8 0.52 2.61 -6.90
CA GLU A 8 -0.92 2.64 -7.05
C GLU A 8 -1.33 3.33 -8.35
N ASN A 9 -0.47 4.22 -8.83
CA ASN A 9 -0.73 4.96 -10.05
C ASN A 9 0.54 5.65 -10.55
N GLY A 10 1.56 5.67 -9.71
CA GLY A 10 2.82 6.30 -10.07
C GLY A 10 3.79 6.36 -8.91
N ARG A 11 3.31 6.86 -7.77
CA ARG A 11 4.14 6.96 -6.57
C ARG A 11 4.02 5.68 -5.73
N PRO A 12 5.11 5.25 -5.09
CA PRO A 12 5.11 4.04 -4.26
C PRO A 12 4.21 4.17 -3.04
N LEU A 13 2.95 3.79 -3.21
CA LEU A 13 1.98 3.89 -2.13
C LEU A 13 1.86 2.57 -1.36
N TYR A 14 1.34 2.65 -0.13
CA TYR A 14 1.13 1.48 0.69
C TYR A 14 0.02 0.61 0.13
N TYR A 15 0.23 -0.71 0.16
CA TYR A 15 -0.76 -1.64 -0.36
C TYR A 15 -1.05 -2.74 0.66
N ASN A 16 -2.03 -3.59 0.35
CA ASN A 16 -2.41 -4.69 1.22
C ASN A 16 -3.41 -5.60 0.53
N ALA A 17 -3.12 -6.90 0.48
CA ALA A 17 -3.99 -7.87 -0.17
C ALA A 17 -4.72 -8.73 0.85
N GLU A 18 -4.05 -9.02 1.97
CA GLU A 18 -4.63 -9.84 3.02
C GLU A 18 -5.96 -9.26 3.49
N GLN A 19 -6.05 -7.94 3.54
CA GLN A 19 -7.26 -7.26 3.96
C GLN A 19 -7.72 -6.27 2.90
N LYS A 20 -6.97 -6.19 1.80
CA LYS A 20 -7.29 -5.28 0.71
C LYS A 20 -7.31 -3.83 1.20
N THR A 21 -6.13 -3.31 1.50
CA THR A 21 -6.00 -1.94 1.99
C THR A 21 -4.98 -1.15 1.18
N LYS A 22 -4.74 0.09 1.61
CA LYS A 22 -3.81 0.99 0.91
C LYS A 22 -3.55 2.24 1.74
N LEU A 23 -2.51 2.99 1.37
CA LEU A 23 -2.20 4.25 2.05
C LEU A 23 -1.04 4.98 1.39
N HIS A 24 -0.57 6.05 2.04
CA HIS A 24 0.51 6.86 1.49
C HIS A 24 1.60 7.10 2.54
N TYR A 25 1.49 6.45 3.69
CA TYR A 25 2.46 6.61 4.76
C TYR A 25 3.88 6.33 4.27
N PRO A 26 4.90 6.83 4.99
CA PRO A 26 6.30 6.66 4.61
C PRO A 26 6.86 5.32 5.10
N PRO A 27 8.10 4.99 4.68
CA PRO A 27 8.78 3.74 5.10
C PRO A 27 8.91 3.63 6.61
N PRO A 1 0.42 -7.24 9.14
CA PRO A 1 0.87 -8.25 8.19
C PRO A 1 0.08 -8.19 6.89
N GLY A 2 0.76 -8.45 5.77
CA GLY A 2 0.10 -8.43 4.48
C GLY A 2 0.39 -7.14 3.71
N TRP A 3 0.59 -6.06 4.45
CA TRP A 3 0.86 -4.76 3.84
C TRP A 3 2.09 -4.84 2.93
N GLU A 4 2.05 -4.11 1.82
CA GLU A 4 3.16 -4.07 0.89
C GLU A 4 3.41 -2.67 0.38
N ILE A 5 4.10 -2.56 -0.75
CA ILE A 5 4.43 -1.28 -1.33
C ILE A 5 4.54 -1.37 -2.85
N ILE A 6 3.75 -0.55 -3.55
CA ILE A 6 3.78 -0.55 -5.01
C ILE A 6 3.33 0.79 -5.57
N HIS A 7 3.39 0.92 -6.89
CA HIS A 7 3.01 2.15 -7.56
C HIS A 7 1.49 2.22 -7.78
N GLU A 8 0.93 3.40 -7.58
CA GLU A 8 -0.50 3.62 -7.77
C GLU A 8 -0.74 4.75 -8.77
N ASN A 9 -0.19 5.91 -8.47
CA ASN A 9 -0.32 7.08 -9.34
C ASN A 9 1.05 7.68 -9.64
N GLY A 10 2.05 6.81 -9.72
CA GLY A 10 3.40 7.26 -10.00
C GLY A 10 4.27 7.28 -8.75
N ARG A 11 3.61 7.28 -7.59
CA ARG A 11 4.30 7.30 -6.31
C ARG A 11 4.13 5.96 -5.58
N PRO A 12 5.16 5.52 -4.84
CA PRO A 12 5.11 4.25 -4.10
C PRO A 12 4.09 4.30 -2.96
N LEU A 13 2.88 3.85 -3.24
CA LEU A 13 1.81 3.85 -2.25
C LEU A 13 1.77 2.55 -1.47
N TYR A 14 1.24 2.61 -0.25
CA TYR A 14 1.12 1.43 0.60
C TYR A 14 0.01 0.51 0.10
N TYR A 15 0.29 -0.78 0.07
CA TYR A 15 -0.67 -1.77 -0.41
C TYR A 15 -1.03 -2.76 0.70
N ASN A 16 -2.02 -3.61 0.41
CA ASN A 16 -2.46 -4.63 1.38
C ASN A 16 -3.51 -5.53 0.75
N ALA A 17 -3.22 -6.83 0.70
CA ALA A 17 -4.12 -7.80 0.11
C ALA A 17 -4.72 -8.73 1.16
N GLU A 18 -3.91 -9.07 2.17
CA GLU A 18 -4.35 -9.96 3.23
C GLU A 18 -5.62 -9.44 3.89
N GLN A 19 -5.72 -8.12 4.00
CA GLN A 19 -6.89 -7.49 4.59
C GLN A 19 -7.57 -6.56 3.59
N LYS A 20 -7.01 -6.50 2.38
CA LYS A 20 -7.55 -5.66 1.32
C LYS A 20 -7.58 -4.20 1.75
N THR A 21 -6.41 -3.62 1.90
CA THR A 21 -6.29 -2.22 2.31
C THR A 21 -5.30 -1.47 1.43
N LYS A 22 -5.24 -0.15 1.59
CA LYS A 22 -4.35 0.69 0.80
C LYS A 22 -4.13 2.03 1.49
N LEU A 23 -3.04 2.72 1.13
CA LEU A 23 -2.74 4.03 1.69
C LEU A 23 -1.46 4.61 1.10
N HIS A 24 -0.96 5.68 1.72
CA HIS A 24 0.24 6.34 1.24
C HIS A 24 1.21 6.61 2.39
N TYR A 25 0.70 7.21 3.45
CA TYR A 25 1.50 7.57 4.61
C TYR A 25 1.49 6.49 5.65
N PRO A 26 2.41 6.56 6.62
CA PRO A 26 3.47 7.58 6.70
C PRO A 26 4.58 7.37 5.67
N PRO A 27 5.51 8.34 5.55
CA PRO A 27 6.65 8.25 4.63
C PRO A 27 7.45 6.96 4.79
N PRO A 1 0.42 -6.57 9.27
CA PRO A 1 0.88 -7.66 8.41
C PRO A 1 0.13 -7.71 7.08
N GLY A 2 0.78 -8.26 6.07
CA GLY A 2 0.17 -8.36 4.75
C GLY A 2 0.40 -7.13 3.91
N TRP A 3 0.59 -5.99 4.56
CA TRP A 3 0.83 -4.73 3.87
C TRP A 3 2.09 -4.81 3.00
N GLU A 4 2.05 -4.16 1.85
CA GLU A 4 3.19 -4.14 0.95
C GLU A 4 3.43 -2.73 0.43
N ILE A 5 4.01 -2.63 -0.77
CA ILE A 5 4.32 -1.35 -1.37
C ILE A 5 4.48 -1.47 -2.88
N ILE A 6 3.53 -0.94 -3.62
CA ILE A 6 3.58 -0.99 -5.08
C ILE A 6 3.15 0.33 -5.70
N HIS A 7 3.35 0.44 -7.01
CA HIS A 7 3.00 1.65 -7.74
C HIS A 7 1.49 1.81 -7.86
N GLU A 8 0.98 2.94 -7.37
CA GLU A 8 -0.45 3.22 -7.44
C GLU A 8 -0.79 4.03 -8.69
N ASN A 9 0.15 4.86 -9.11
CA ASN A 9 -0.03 5.69 -10.30
C ASN A 9 1.29 6.28 -10.76
N GLY A 10 2.38 5.84 -10.14
CA GLY A 10 3.69 6.33 -10.52
C GLY A 10 4.68 6.23 -9.38
N ARG A 11 4.24 6.58 -8.17
CA ARG A 11 5.09 6.53 -6.99
C ARG A 11 4.77 5.29 -6.14
N PRO A 12 5.77 4.75 -5.42
CA PRO A 12 5.57 3.57 -4.59
C PRO A 12 4.64 3.84 -3.41
N LEU A 13 3.38 3.46 -3.56
CA LEU A 13 2.38 3.65 -2.51
C LEU A 13 2.21 2.39 -1.67
N TYR A 14 1.80 2.56 -0.43
CA TYR A 14 1.57 1.45 0.48
C TYR A 14 0.37 0.64 0.04
N TYR A 15 0.53 -0.68 0.02
CA TYR A 15 -0.54 -1.57 -0.42
C TYR A 15 -0.87 -2.61 0.66
N ASN A 16 -1.83 -3.49 0.36
CA ASN A 16 -2.24 -4.53 1.29
C ASN A 16 -3.27 -5.45 0.63
N ALA A 17 -2.96 -6.73 0.54
CA ALA A 17 -3.84 -7.71 -0.08
C ALA A 17 -4.54 -8.58 0.97
N GLU A 18 -3.85 -8.82 2.08
CA GLU A 18 -4.39 -9.63 3.15
C GLU A 18 -5.72 -9.08 3.65
N GLN A 19 -5.82 -7.76 3.70
CA GLN A 19 -7.03 -7.10 4.16
C GLN A 19 -7.56 -6.15 3.09
N LYS A 20 -6.90 -6.16 1.94
CA LYS A 20 -7.30 -5.30 0.82
C LYS A 20 -7.34 -3.84 1.24
N THR A 21 -6.17 -3.29 1.56
CA THR A 21 -6.07 -1.89 1.99
C THR A 21 -5.03 -1.15 1.16
N LYS A 22 -4.91 0.15 1.41
CA LYS A 22 -3.96 0.98 0.67
C LYS A 22 -3.70 2.29 1.42
N LEU A 23 -2.60 2.96 1.09
CA LEU A 23 -2.26 4.23 1.71
C LEU A 23 -0.94 4.77 1.16
N HIS A 24 -0.61 6.01 1.50
CA HIS A 24 0.61 6.64 1.02
C HIS A 24 1.60 6.86 2.16
N TYR A 25 1.10 7.31 3.31
CA TYR A 25 1.95 7.57 4.46
C TYR A 25 2.30 6.31 5.20
N PRO A 26 3.37 6.37 5.99
CA PRO A 26 4.24 7.55 6.13
C PRO A 26 5.12 7.78 4.91
N PRO A 27 5.82 8.94 4.85
CA PRO A 27 6.71 9.28 3.73
C PRO A 27 7.69 8.15 3.41
#